data_1FC2
#
_entry.id   1FC2
#
_cell.length_a   70.600
_cell.length_b   70.600
_cell.length_c   147.400
_cell.angle_alpha   90.00
_cell.angle_beta   90.00
_cell.angle_gamma   120.00
#
_symmetry.space_group_name_H-M   'P 31 2 1'
#
loop_
_entity.id
_entity.type
_entity.pdbx_description
1 polymer 'FRAGMENT B OF PROTEIN A COMPLEX'
2 polymer 'IMMUNOGLOBULIN FC'
3 branched beta-D-galactopyranose-(1-4)-2-acetamido-2-deoxy-beta-D-glucopyranose-(1-2)-alpha-D-mannopyranose-(1-6)-[2-acetamido-2-deoxy-beta-D-glucopyranose-(1-2)-alpha-D-mannopyranose-(1-3)]alpha-D-mannopyranose-(1-4)-2-acetamido-2-deoxy-beta-D-glucopyranose-(1-4)-[alpha-L-fucopyranose-(1-6)]2-acetamido-2-deoxy-beta-D-glucopyranose
4 non-polymer 'SULFATE ION'
#
loop_
_entity_poly.entity_id
_entity_poly.type
_entity_poly.pdbx_seq_one_letter_code
_entity_poly.pdbx_strand_id
1 'polypeptide(L)' ADNKFNKEQQNAFYEILHLPNLNEEQRNGFIQSLKDDPSQSANLLAEAKKLNDAQ(UNK)(UNK)K C
2 'polypeptide(L)'
;THTCPPCPAPELLGGPSVFLFPPKPKDTLMISRTPEVTCVVVDVSHEDPQVKFNWYVDGVQVHNAKTKPREQQYNSTYRV
VSVLTVLHQNWLDGKEYKCKVSNKALPAPIEKTISKAKGQPREPQVYTLPPSREEMTKNQVSLTCLVKGFYPSDIAVEWE
SNGQPENNYKTTPPVLDSDGSFFLYSKLTVDKSRWQQGNVFSCSVMHEALHNHYTQKSLSLSPG
;
D
#
# COMPACT_ATOMS: atom_id res chain seq x y z
N PHE A 5 3.33 11.35 -1.08
CA PHE A 5 3.65 12.27 0.02
C PHE A 5 4.31 13.55 -0.45
N ASN A 6 3.93 14.55 0.28
CA ASN A 6 4.22 15.98 0.21
C ASN A 6 2.92 16.67 0.55
N LYS A 7 3.08 17.81 1.15
CA LYS A 7 2.00 18.67 1.63
C LYS A 7 1.46 18.21 2.98
N GLU A 8 0.55 19.03 3.43
CA GLU A 8 -0.34 18.80 4.53
C GLU A 8 -1.66 18.29 3.96
N GLN A 9 -1.65 18.09 2.67
CA GLN A 9 -2.76 17.45 1.96
C GLN A 9 -3.10 16.15 2.69
N GLN A 10 -2.03 15.46 3.06
CA GLN A 10 -2.09 14.18 3.78
C GLN A 10 -2.23 14.32 5.28
N ASN A 11 -1.66 15.35 5.80
CA ASN A 11 -1.85 15.64 7.20
C ASN A 11 -3.32 15.90 7.50
N ALA A 12 -3.91 16.63 6.56
CA ALA A 12 -5.34 16.96 6.48
C ALA A 12 -6.17 15.74 6.15
N PHE A 13 -5.62 14.92 5.28
CA PHE A 13 -6.28 13.69 4.88
C PHE A 13 -6.42 12.77 6.09
N TYR A 14 -5.32 12.67 6.84
CA TYR A 14 -5.21 11.79 8.02
C TYR A 14 -6.31 12.05 9.04
N GLU A 15 -6.31 13.30 9.47
CA GLU A 15 -7.26 13.86 10.42
C GLU A 15 -8.70 13.58 10.01
N ILE A 16 -9.05 14.04 8.83
CA ILE A 16 -10.44 13.88 8.33
C ILE A 16 -10.81 12.41 8.22
N LEU A 17 -9.79 11.60 8.06
CA LEU A 17 -9.98 10.15 8.03
C LEU A 17 -10.27 9.58 9.43
N HIS A 18 -9.60 10.17 10.40
CA HIS A 18 -9.75 9.82 11.82
C HIS A 18 -10.70 10.75 12.57
N LEU A 19 -11.61 11.35 11.84
CA LEU A 19 -12.66 12.11 12.55
C LEU A 19 -13.83 11.23 13.00
N PRO A 20 -13.94 11.16 14.32
CA PRO A 20 -14.80 10.20 15.06
C PRO A 20 -16.27 10.43 14.76
N ASN A 21 -16.60 11.68 14.66
CA ASN A 21 -17.96 12.16 14.50
C ASN A 21 -18.26 12.69 13.10
N LEU A 22 -17.27 12.64 12.24
CA LEU A 22 -17.44 13.03 10.83
C LEU A 22 -18.05 11.91 9.99
N ASN A 23 -19.36 11.83 10.06
CA ASN A 23 -20.15 10.68 9.59
C ASN A 23 -20.23 10.46 8.08
N GLU A 24 -19.52 9.42 7.71
CA GLU A 24 -19.52 8.76 6.40
C GLU A 24 -19.36 9.74 5.24
N GLU A 25 -20.50 10.17 4.76
CA GLU A 25 -20.59 11.09 3.63
C GLU A 25 -19.95 12.43 3.98
N GLN A 26 -20.22 12.81 5.21
CA GLN A 26 -19.56 13.99 5.79
C GLN A 26 -18.04 13.86 5.66
N ARG A 27 -17.53 12.67 5.84
CA ARG A 27 -16.08 12.49 5.67
C ARG A 27 -15.61 12.39 4.23
N ASN A 28 -16.33 11.57 3.49
CA ASN A 28 -15.96 11.22 2.12
C ASN A 28 -15.78 12.43 1.23
N GLY A 29 -16.72 13.35 1.41
CA GLY A 29 -16.76 14.71 0.83
C GLY A 29 -15.49 15.48 1.10
N PHE A 30 -15.19 15.65 2.37
CA PHE A 30 -13.99 16.37 2.78
C PHE A 30 -12.73 15.76 2.21
N ILE A 31 -12.67 14.42 2.14
CA ILE A 31 -11.45 13.76 1.66
C ILE A 31 -11.28 13.91 0.15
N GLN A 32 -12.40 13.97 -0.51
CA GLN A 32 -12.36 14.01 -1.98
C GLN A 32 -12.12 15.40 -2.55
N SER A 33 -12.67 16.40 -1.91
CA SER A 33 -12.39 17.80 -2.24
C SER A 33 -10.91 18.13 -2.02
N LEU A 34 -10.33 17.29 -1.19
CA LEU A 34 -8.95 17.34 -0.67
C LEU A 34 -7.97 16.62 -1.59
N LYS A 35 -8.53 15.80 -2.44
CA LYS A 35 -7.75 15.28 -3.57
C LYS A 35 -7.81 16.26 -4.73
N ASP A 36 -8.93 16.95 -4.80
CA ASP A 36 -9.27 17.72 -6.00
C ASP A 36 -8.58 19.08 -6.00
N ASP A 37 -8.60 19.71 -4.83
CA ASP A 37 -7.81 20.93 -4.61
C ASP A 37 -6.93 20.91 -3.37
N PRO A 38 -5.77 20.31 -3.52
CA PRO A 38 -4.60 20.60 -2.67
C PRO A 38 -4.10 22.01 -2.99
N SER A 39 -4.47 22.88 -2.08
CA SER A 39 -4.40 24.35 -2.05
C SER A 39 -5.29 24.70 -0.89
N GLN A 40 -6.55 24.29 -1.14
CA GLN A 40 -7.67 24.25 -0.19
C GLN A 40 -7.39 23.33 0.99
N SER A 41 -6.54 22.36 0.74
CA SER A 41 -6.01 21.38 1.73
C SER A 41 -5.55 22.04 3.01
N ALA A 42 -6.50 22.24 3.90
CA ALA A 42 -6.44 23.05 5.13
C ALA A 42 -7.85 23.36 5.65
N ASN A 43 -8.82 23.11 4.76
CA ASN A 43 -10.28 23.34 4.89
C ASN A 43 -11.07 22.46 5.87
N LEU A 44 -10.41 21.58 6.61
CA LEU A 44 -11.00 20.51 7.46
C LEU A 44 -11.86 20.93 8.67
N LEU A 45 -12.86 20.05 8.98
CA LEU A 45 -13.64 19.84 10.24
C LEU A 45 -15.07 20.41 10.29
N ALA A 46 -16.04 19.54 10.61
CA ALA A 46 -17.43 19.95 10.96
C ALA A 46 -17.76 19.87 12.46
N GLU A 47 -17.79 18.62 12.94
CA GLU A 47 -17.97 18.27 14.36
C GLU A 47 -16.65 18.16 15.11
N ALA A 48 -16.52 18.68 16.25
N PRO B 16 -10.56 -20.98 -17.53
CA PRO B 16 -10.17 -19.68 -16.98
C PRO B 16 -9.94 -19.71 -15.47
N SER B 17 -9.16 -18.76 -15.02
CA SER B 17 -8.86 -18.60 -13.58
C SER B 17 -8.72 -17.11 -13.20
N VAL B 18 -9.46 -16.70 -12.17
CA VAL B 18 -9.53 -15.30 -11.74
C VAL B 18 -8.80 -15.00 -10.43
N PHE B 19 -7.63 -14.39 -10.56
CA PHE B 19 -6.88 -13.85 -9.43
C PHE B 19 -7.28 -12.40 -9.16
N LEU B 20 -7.22 -12.04 -7.90
CA LEU B 20 -7.58 -10.69 -7.46
C LEU B 20 -6.58 -10.10 -6.46
N PHE B 21 -5.92 -9.07 -6.90
CA PHE B 21 -4.84 -8.48 -6.14
C PHE B 21 -5.26 -7.20 -5.43
N PRO B 22 -4.63 -6.95 -4.31
CA PRO B 22 -4.82 -5.71 -3.51
C PRO B 22 -4.12 -4.52 -4.16
N PRO B 23 -4.52 -3.34 -3.74
CA PRO B 23 -3.71 -2.13 -3.89
C PRO B 23 -2.42 -2.26 -3.11
N LYS B 24 -1.41 -1.66 -3.66
CA LYS B 24 -0.11 -1.47 -3.01
C LYS B 24 -0.27 -0.58 -1.77
N PRO B 25 0.23 -1.05 -0.64
CA PRO B 25 0.01 -0.40 0.68
C PRO B 25 0.37 1.08 0.70
N LYS B 26 1.45 1.43 0.05
CA LYS B 26 1.87 2.82 -0.13
C LYS B 26 0.78 3.68 -0.79
N ASP B 27 0.10 3.06 -1.73
CA ASP B 27 -0.95 3.65 -2.60
C ASP B 27 -2.32 3.78 -1.94
N THR B 28 -2.49 3.12 -0.83
CA THR B 28 -3.74 3.25 -0.06
C THR B 28 -3.51 4.11 1.15
N LEU B 29 -2.23 4.35 1.37
CA LEU B 29 -1.77 5.07 2.55
C LEU B 29 -1.67 6.55 2.26
N MET B 30 -1.24 6.83 1.04
CA MET B 30 -0.91 8.18 0.58
C MET B 30 -1.91 8.79 -0.38
N ILE B 31 -2.49 9.93 0.06
CA ILE B 31 -3.69 10.53 -0.56
C ILE B 31 -3.36 11.16 -1.91
N SER B 32 -2.08 11.30 -2.05
CA SER B 32 -1.32 11.69 -3.22
C SER B 32 -1.18 10.55 -4.22
N ARG B 33 -1.50 9.36 -3.76
CA ARG B 33 -1.44 8.15 -4.59
C ARG B 33 -2.85 7.72 -4.97
N THR B 34 -2.94 6.72 -5.81
CA THR B 34 -4.24 6.11 -6.11
C THR B 34 -4.24 4.58 -6.08
N PRO B 35 -4.97 4.03 -5.12
CA PRO B 35 -5.18 2.59 -4.90
C PRO B 35 -6.06 1.92 -5.95
N GLU B 36 -5.63 0.76 -6.41
CA GLU B 36 -6.32 -0.07 -7.39
C GLU B 36 -6.38 -1.54 -7.02
N VAL B 37 -7.56 -2.13 -7.13
CA VAL B 37 -7.84 -3.58 -6.98
C VAL B 37 -7.93 -4.29 -8.33
N THR B 38 -6.88 -5.04 -8.65
CA THR B 38 -6.67 -5.62 -9.99
C THR B 38 -7.11 -7.07 -10.14
N CYS B 39 -8.08 -7.29 -11.01
CA CYS B 39 -8.63 -8.62 -11.25
C CYS B 39 -8.06 -9.26 -12.50
N VAL B 40 -7.06 -10.06 -12.26
CA VAL B 40 -6.37 -10.75 -13.34
C VAL B 40 -6.82 -12.18 -13.59
N VAL B 41 -7.53 -12.31 -14.67
CA VAL B 41 -7.95 -13.59 -15.24
C VAL B 41 -7.02 -14.04 -16.38
N VAL B 42 -6.50 -15.25 -16.29
CA VAL B 42 -5.76 -15.84 -17.41
C VAL B 42 -6.42 -17.08 -18.01
N ASP B 43 -7.04 -16.88 -19.19
CA ASP B 43 -7.74 -17.84 -20.10
C ASP B 43 -8.80 -17.19 -20.98
N VAL B 44 -10.03 -17.25 -20.48
CA VAL B 44 -11.29 -16.76 -21.08
C VAL B 44 -11.74 -17.52 -22.33
N SER B 45 -10.79 -17.72 -23.23
CA SER B 45 -10.84 -18.41 -24.54
C SER B 45 -11.32 -17.54 -25.69
N HIS B 46 -11.07 -18.05 -26.88
CA HIS B 46 -11.67 -17.52 -28.10
C HIS B 46 -12.98 -18.25 -28.40
N GLU B 47 -13.83 -17.62 -29.19
CA GLU B 47 -15.25 -17.95 -29.41
C GLU B 47 -16.11 -17.56 -28.22
N ASP B 48 -15.50 -17.56 -27.05
CA ASP B 48 -16.13 -16.99 -25.84
C ASP B 48 -15.35 -15.90 -25.11
N PRO B 49 -14.86 -14.85 -25.77
CA PRO B 49 -14.07 -13.81 -25.08
C PRO B 49 -14.91 -12.93 -24.14
N GLN B 50 -16.20 -13.14 -24.19
CA GLN B 50 -17.15 -12.19 -23.62
C GLN B 50 -17.33 -12.30 -22.11
N VAL B 51 -16.25 -11.98 -21.44
CA VAL B 51 -16.15 -11.97 -19.98
C VAL B 51 -16.65 -10.67 -19.34
N LYS B 52 -17.87 -10.71 -18.89
CA LYS B 52 -18.45 -9.57 -18.21
C LYS B 52 -17.94 -9.49 -16.77
N PHE B 53 -17.04 -8.54 -16.54
CA PHE B 53 -16.53 -8.27 -15.20
C PHE B 53 -17.63 -7.60 -14.40
N ASN B 54 -17.71 -8.02 -13.16
CA ASN B 54 -18.67 -7.54 -12.18
C ASN B 54 -17.97 -7.15 -10.90
N TRP B 55 -18.11 -5.90 -10.56
CA TRP B 55 -17.38 -5.31 -9.44
C TRP B 55 -18.30 -4.80 -8.35
N TYR B 56 -18.13 -5.38 -7.20
CA TYR B 56 -18.97 -5.09 -6.02
C TYR B 56 -18.12 -4.61 -4.86
N VAL B 57 -18.67 -3.67 -4.13
CA VAL B 57 -17.94 -3.04 -3.03
C VAL B 57 -18.80 -2.94 -1.78
N ASP B 58 -18.36 -3.72 -0.80
CA ASP B 58 -19.25 -4.23 0.22
C ASP B 58 -20.38 -4.98 -0.49
N GLY B 59 -21.59 -4.50 -0.37
CA GLY B 59 -22.67 -5.17 -1.10
C GLY B 59 -22.82 -4.75 -2.57
N VAL B 60 -22.66 -3.44 -2.76
CA VAL B 60 -23.15 -2.71 -3.94
C VAL B 60 -22.28 -2.85 -5.18
N GLN B 61 -22.93 -3.03 -6.33
CA GLN B 61 -22.25 -3.01 -7.65
C GLN B 61 -21.89 -1.59 -8.07
N VAL B 62 -20.71 -1.48 -8.63
CA VAL B 62 -20.11 -0.15 -8.82
C VAL B 62 -20.11 0.32 -10.27
N HIS B 63 -20.79 -0.49 -11.06
CA HIS B 63 -20.80 -0.36 -12.53
C HIS B 63 -19.36 -0.46 -13.01
N ASN B 64 -18.90 0.67 -13.50
CA ASN B 64 -17.48 0.88 -13.75
C ASN B 64 -16.73 1.17 -12.46
N ALA B 65 -17.16 2.23 -11.80
CA ALA B 65 -16.45 2.85 -10.68
C ALA B 65 -15.01 3.07 -11.12
N LYS B 66 -14.97 3.46 -12.39
CA LYS B 66 -13.74 3.54 -13.19
C LYS B 66 -13.00 2.21 -13.24
N THR B 67 -13.77 1.18 -13.60
CA THR B 67 -13.22 -0.15 -13.90
C THR B 67 -12.63 -0.12 -15.29
N LYS B 68 -11.40 -0.60 -15.44
CA LYS B 68 -10.77 -0.53 -16.76
C LYS B 68 -10.02 -1.77 -17.27
N PRO B 69 -10.76 -2.73 -17.85
CA PRO B 69 -10.18 -3.91 -18.52
C PRO B 69 -9.46 -3.56 -19.81
N ARG B 70 -8.18 -3.90 -19.86
CA ARG B 70 -7.43 -3.74 -21.12
C ARG B 70 -6.88 -5.05 -21.70
N GLU B 71 -7.36 -5.39 -22.88
CA GLU B 71 -7.09 -6.70 -23.48
C GLU B 71 -5.64 -6.95 -23.89
N GLN B 72 -5.15 -8.13 -23.50
CA GLN B 72 -3.84 -8.70 -23.90
C GLN B 72 -4.00 -10.02 -24.63
N GLN B 73 -3.10 -10.30 -25.57
CA GLN B 73 -3.16 -11.49 -26.43
C GLN B 73 -1.91 -12.35 -26.30
N TYR B 74 -1.97 -13.34 -25.43
CA TYR B 74 -0.80 -14.10 -24.96
C TYR B 74 -0.65 -15.50 -25.56
N ASN B 75 0.14 -16.27 -24.81
CA ASN B 75 0.39 -17.72 -24.84
C ASN B 75 -0.09 -18.40 -26.11
N SER B 76 -1.31 -18.84 -25.96
CA SER B 76 -2.17 -19.45 -26.97
C SER B 76 -3.61 -19.12 -26.61
N THR B 77 -3.71 -18.19 -25.68
CA THR B 77 -4.93 -17.77 -24.99
C THR B 77 -4.91 -16.29 -24.64
N TYR B 78 -5.98 -15.78 -24.06
CA TYR B 78 -6.06 -14.34 -23.72
C TYR B 78 -5.82 -14.04 -22.24
N ARG B 79 -5.12 -12.95 -21.97
CA ARG B 79 -4.87 -12.42 -20.61
C ARG B 79 -5.57 -11.09 -20.31
N VAL B 80 -6.71 -11.20 -19.65
CA VAL B 80 -7.61 -10.07 -19.45
C VAL B 80 -7.61 -9.56 -18.01
N VAL B 81 -7.44 -8.26 -17.85
CA VAL B 81 -7.29 -7.60 -16.55
C VAL B 81 -8.17 -6.35 -16.42
N SER B 82 -9.03 -6.32 -15.40
CA SER B 82 -9.76 -5.09 -15.00
C SER B 82 -9.35 -4.50 -13.66
N VAL B 83 -9.13 -3.19 -13.64
CA VAL B 83 -8.54 -2.50 -12.47
C VAL B 83 -9.52 -1.54 -11.80
N LEU B 84 -10.11 -1.98 -10.72
CA LEU B 84 -11.01 -1.11 -9.97
C LEU B 84 -10.24 -0.21 -9.04
N THR B 85 -10.45 1.04 -9.23
CA THR B 85 -9.88 2.03 -8.33
C THR B 85 -10.77 2.23 -7.10
N VAL B 86 -10.09 2.26 -5.95
CA VAL B 86 -10.58 2.20 -4.56
C VAL B 86 -10.41 3.54 -3.83
N LEU B 87 -11.36 3.87 -2.99
CA LEU B 87 -11.16 5.00 -2.06
C LEU B 87 -10.32 4.54 -0.89
N HIS B 88 -9.18 5.19 -0.68
CA HIS B 88 -8.25 5.01 0.44
C HIS B 88 -8.95 4.66 1.75
N GLN B 89 -9.89 5.51 2.07
CA GLN B 89 -10.78 5.41 3.22
C GLN B 89 -11.50 4.07 3.34
N ASN B 90 -12.09 3.61 2.24
CA ASN B 90 -12.92 2.39 2.19
C ASN B 90 -12.13 1.11 2.47
N TRP B 91 -10.99 0.98 1.80
CA TRP B 91 -10.06 -0.13 1.97
C TRP B 91 -9.42 -0.14 3.36
N LEU B 92 -9.02 1.03 3.84
CA LEU B 92 -8.55 1.21 5.21
C LEU B 92 -9.67 0.91 6.18
N ASP B 93 -10.90 1.09 5.77
CA ASP B 93 -12.03 0.73 6.64
C ASP B 93 -12.55 -0.65 6.27
N GLY B 94 -11.79 -1.28 5.38
CA GLY B 94 -11.96 -2.67 4.92
C GLY B 94 -13.35 -3.01 4.38
N LYS B 95 -13.60 -2.57 3.18
CA LYS B 95 -14.78 -3.04 2.45
C LYS B 95 -14.44 -4.28 1.64
N GLU B 96 -15.44 -5.00 1.18
CA GLU B 96 -15.10 -6.18 0.37
C GLU B 96 -15.15 -5.87 -1.10
N TYR B 97 -14.01 -6.09 -1.71
CA TYR B 97 -13.82 -5.88 -3.14
C TYR B 97 -13.98 -7.19 -3.90
N LYS B 98 -15.20 -7.38 -4.34
CA LYS B 98 -15.65 -8.63 -4.96
C LYS B 98 -15.65 -8.60 -6.48
N CYS B 99 -14.73 -9.31 -7.05
CA CYS B 99 -14.66 -9.44 -8.51
C CYS B 99 -15.37 -10.71 -8.99
N LYS B 100 -16.14 -10.56 -10.05
CA LYS B 100 -16.94 -11.64 -10.64
C LYS B 100 -16.75 -11.73 -12.16
N VAL B 101 -16.32 -12.88 -12.66
CA VAL B 101 -16.21 -13.05 -14.12
C VAL B 101 -17.20 -14.03 -14.76
N SER B 102 -17.95 -13.51 -15.74
CA SER B 102 -19.14 -14.12 -16.39
C SER B 102 -18.87 -15.19 -17.44
N ASN B 103 -18.94 -14.81 -18.72
CA ASN B 103 -18.87 -15.69 -19.90
C ASN B 103 -20.03 -16.67 -20.13
N LYS B 104 -19.86 -17.50 -21.15
CA LYS B 104 -20.79 -18.60 -21.47
C LYS B 104 -20.11 -19.97 -21.53
N ALA B 105 -18.82 -19.95 -21.88
CA ALA B 105 -17.97 -21.15 -21.80
C ALA B 105 -17.71 -21.55 -20.34
N LEU B 106 -18.31 -20.77 -19.47
CA LEU B 106 -18.10 -20.77 -18.03
C LEU B 106 -19.42 -20.89 -17.27
N PRO B 107 -19.69 -22.08 -16.80
CA PRO B 107 -20.99 -22.47 -16.20
C PRO B 107 -21.37 -21.67 -14.96
N ALA B 108 -20.40 -21.05 -14.34
CA ALA B 108 -20.60 -20.32 -13.07
C ALA B 108 -19.72 -19.08 -12.92
N PRO B 109 -20.34 -18.02 -12.45
CA PRO B 109 -19.68 -16.73 -12.15
C PRO B 109 -18.58 -16.85 -11.10
N ILE B 110 -17.35 -16.86 -11.60
CA ILE B 110 -16.13 -16.94 -10.78
C ILE B 110 -15.92 -15.74 -9.84
N GLU B 111 -16.24 -15.97 -8.57
CA GLU B 111 -16.27 -14.96 -7.51
C GLU B 111 -15.03 -14.95 -6.62
N LYS B 112 -14.63 -13.75 -6.26
CA LYS B 112 -13.37 -13.46 -5.58
C LYS B 112 -13.49 -12.25 -4.65
N THR B 113 -13.28 -12.44 -3.37
CA THR B 113 -13.34 -11.35 -2.37
C THR B 113 -11.99 -11.03 -1.75
N ILE B 114 -11.67 -9.75 -1.78
CA ILE B 114 -10.56 -9.22 -0.99
C ILE B 114 -11.03 -8.08 -0.13
N SER B 115 -10.22 -7.72 0.83
CA SER B 115 -10.36 -6.67 1.84
C SER B 115 -9.04 -6.68 2.59
N LYS B 116 -8.83 -5.80 3.53
CA LYS B 116 -7.57 -5.99 4.29
C LYS B 116 -7.74 -6.85 5.53
N ALA B 117 -6.61 -7.35 5.95
CA ALA B 117 -6.37 -8.19 7.12
C ALA B 117 -7.59 -8.52 7.95
N LYS B 118 -7.97 -7.53 8.74
CA LYS B 118 -8.99 -7.55 9.80
C LYS B 118 -8.39 -8.03 11.11
N GLY B 119 -8.15 -7.12 12.02
CA GLY B 119 -7.49 -7.51 13.26
C GLY B 119 -7.64 -6.50 14.38
N GLN B 120 -7.27 -5.28 14.00
CA GLN B 120 -7.03 -4.08 14.81
C GLN B 120 -5.55 -3.69 14.75
N PRO B 121 -5.32 -2.56 14.18
CA PRO B 121 -3.99 -2.11 13.83
C PRO B 121 -3.05 -2.08 15.03
N ARG B 122 -1.85 -2.46 14.74
CA ARG B 122 -0.73 -2.33 15.65
C ARG B 122 0.40 -1.50 15.06
N GLU B 123 0.82 -0.51 15.81
CA GLU B 123 1.85 0.46 15.42
C GLU B 123 3.26 -0.12 15.45
N PRO B 124 3.97 0.01 14.34
CA PRO B 124 5.33 -0.50 14.15
C PRO B 124 6.37 0.22 15.02
N GLN B 125 7.38 -0.54 15.37
CA GLN B 125 8.53 -0.13 16.18
C GLN B 125 9.77 -0.02 15.33
N VAL B 126 10.20 1.18 15.07
CA VAL B 126 11.32 1.43 14.16
C VAL B 126 12.62 1.84 14.86
N TYR B 127 13.51 0.87 14.98
CA TYR B 127 14.88 1.06 15.53
C TYR B 127 15.92 0.91 14.45
N THR B 128 16.86 1.80 14.45
CA THR B 128 17.86 1.78 13.38
C THR B 128 19.19 1.27 13.93
N LEU B 129 19.77 0.29 13.23
CA LEU B 129 20.96 -0.41 13.74
C LEU B 129 22.15 -0.17 12.84
N PRO B 130 23.16 0.34 13.47
CA PRO B 130 24.52 0.55 12.92
C PRO B 130 25.21 -0.74 12.49
N PRO B 131 26.15 -0.67 11.56
CA PRO B 131 27.09 -1.76 11.23
C PRO B 131 27.89 -2.25 12.43
N SER B 132 28.22 -3.54 12.42
CA SER B 132 29.13 -4.13 13.40
C SER B 132 30.60 -3.82 13.15
N ARG B 133 31.36 -3.79 14.23
CA ARG B 133 32.78 -3.38 14.20
C ARG B 133 33.61 -4.30 13.32
N GLU B 134 33.22 -5.56 13.39
CA GLU B 134 33.74 -6.65 12.57
C GLU B 134 33.43 -6.41 11.10
N GLU B 135 32.49 -5.53 10.86
CA GLU B 135 32.05 -5.20 9.50
C GLU B 135 32.72 -3.94 9.03
N MET B 136 33.30 -3.22 9.95
CA MET B 136 34.15 -2.12 9.49
C MET B 136 35.51 -2.63 9.01
N THR B 137 35.65 -3.92 8.95
CA THR B 137 36.83 -4.53 8.35
C THR B 137 36.57 -4.78 6.87
N LYS B 138 35.32 -4.58 6.53
CA LYS B 138 34.88 -4.54 5.15
C LYS B 138 34.87 -3.09 4.70
N ASN B 139 35.01 -2.84 3.43
CA ASN B 139 34.92 -1.46 2.96
C ASN B 139 33.64 -1.13 2.21
N GLN B 140 32.69 -1.96 2.51
CA GLN B 140 31.27 -1.63 2.40
C GLN B 140 30.51 -2.09 3.64
N VAL B 141 29.78 -1.20 4.24
CA VAL B 141 29.04 -1.64 5.41
C VAL B 141 27.54 -1.70 5.20
N SER B 142 26.88 -2.27 6.18
CA SER B 142 25.43 -2.36 6.11
C SER B 142 24.64 -1.72 7.25
N LEU B 143 23.61 -1.04 6.83
CA LEU B 143 22.70 -0.31 7.73
C LEU B 143 21.36 -1.01 7.78
N THR B 144 20.87 -1.16 8.99
CA THR B 144 19.78 -2.08 9.25
C THR B 144 18.60 -1.35 9.87
N CYS B 145 17.47 -1.44 9.24
CA CYS B 145 16.31 -1.10 10.07
C CYS B 145 15.32 -2.19 10.37
N LEU B 146 15.23 -2.42 11.66
CA LEU B 146 14.28 -3.29 12.32
C LEU B 146 12.97 -2.53 12.48
N VAL B 147 11.93 -3.06 11.88
CA VAL B 147 10.55 -2.56 12.04
C VAL B 147 9.69 -3.69 12.62
N LYS B 148 9.24 -3.57 13.85
CA LYS B 148 8.59 -4.74 14.45
C LYS B 148 7.17 -4.47 14.94
N GLY B 149 6.48 -5.54 15.28
CA GLY B 149 5.22 -5.46 16.02
C GLY B 149 4.12 -4.61 15.37
N PHE B 150 4.03 -4.74 14.08
CA PHE B 150 2.95 -4.12 13.31
C PHE B 150 1.85 -5.08 12.89
N TYR B 151 0.75 -4.51 12.56
CA TYR B 151 -0.38 -5.24 12.05
C TYR B 151 -1.34 -4.26 11.39
N PRO B 152 -1.84 -4.56 10.20
CA PRO B 152 -1.47 -5.73 9.37
C PRO B 152 -0.11 -5.65 8.68
N SER B 153 0.19 -6.66 7.92
CA SER B 153 1.49 -6.85 7.27
C SER B 153 1.81 -5.77 6.25
N ASP B 154 0.76 -5.03 5.91
CA ASP B 154 0.74 -3.91 4.95
C ASP B 154 1.55 -2.73 5.42
N ILE B 155 2.78 -2.76 5.06
CA ILE B 155 3.71 -1.67 5.40
C ILE B 155 4.59 -1.26 4.22
N ALA B 156 5.24 -0.13 4.33
CA ALA B 156 6.21 0.35 3.34
C ALA B 156 7.34 1.13 3.99
N VAL B 157 8.52 0.54 3.96
CA VAL B 157 9.80 1.13 4.38
C VAL B 157 10.62 1.60 3.17
N GLU B 158 11.33 2.69 3.35
CA GLU B 158 12.27 3.25 2.39
C GLU B 158 13.46 3.89 3.09
N TRP B 159 14.55 4.05 2.38
CA TRP B 159 15.77 4.71 2.92
C TRP B 159 16.10 6.04 2.23
N GLU B 160 16.68 6.95 3.02
CA GLU B 160 17.26 8.20 2.50
C GLU B 160 18.69 8.44 2.98
N SER B 161 19.45 9.13 2.14
CA SER B 161 20.77 9.72 2.43
C SER B 161 20.74 11.23 2.51
N ASN B 162 21.09 11.71 3.68
CA ASN B 162 21.17 13.09 4.15
C ASN B 162 19.82 13.79 4.16
N GLY B 163 19.06 13.54 3.13
CA GLY B 163 17.71 14.05 2.97
C GLY B 163 17.07 13.54 1.68
N GLN B 164 17.81 12.73 0.97
CA GLN B 164 17.41 12.32 -0.38
C GLN B 164 17.54 10.84 -0.71
N PRO B 165 16.72 10.35 -1.62
CA PRO B 165 16.45 8.93 -1.81
C PRO B 165 17.69 8.09 -2.03
N GLU B 166 17.73 6.99 -1.31
CA GLU B 166 18.75 5.97 -1.52
C GLU B 166 18.13 4.78 -2.23
N ASN B 167 18.67 4.40 -3.36
CA ASN B 167 18.08 3.32 -4.17
C ASN B 167 18.69 1.97 -3.85
N ASN B 168 19.60 2.04 -2.92
CA ASN B 168 20.50 0.94 -2.62
C ASN B 168 20.02 0.11 -1.45
N TYR B 169 18.75 -0.14 -1.38
CA TYR B 169 18.28 -0.92 -0.22
C TYR B 169 17.52 -2.17 -0.62
N LYS B 170 17.53 -3.16 0.28
CA LYS B 170 16.78 -4.44 0.23
C LYS B 170 15.96 -4.66 1.48
N THR B 171 14.68 -4.84 1.31
CA THR B 171 13.71 -5.05 2.38
C THR B 171 13.23 -6.50 2.38
N THR B 172 13.26 -7.11 3.54
CA THR B 172 12.67 -8.44 3.71
C THR B 172 11.17 -8.33 3.89
N PRO B 173 10.53 -9.33 3.37
CA PRO B 173 9.10 -9.58 3.56
C PRO B 173 8.70 -9.65 5.04
N PRO B 174 7.53 -9.15 5.32
CA PRO B 174 6.97 -9.18 6.66
C PRO B 174 6.81 -10.63 7.03
N VAL B 175 7.37 -10.99 8.16
CA VAL B 175 7.21 -12.35 8.66
C VAL B 175 6.65 -12.39 10.09
N LEU B 176 5.73 -13.29 10.29
CA LEU B 176 4.98 -13.25 11.54
C LEU B 176 5.70 -13.82 12.74
N ASP B 177 5.80 -12.96 13.70
CA ASP B 177 6.52 -13.17 14.93
C ASP B 177 5.65 -13.94 15.92
N SER B 178 6.29 -14.35 16.97
CA SER B 178 5.67 -15.04 18.10
C SER B 178 4.47 -14.27 18.61
N ASP B 179 4.64 -12.97 18.63
CA ASP B 179 3.65 -11.97 19.08
C ASP B 179 2.26 -12.12 18.45
N GLY B 180 2.24 -12.52 17.22
CA GLY B 180 1.03 -12.29 16.45
C GLY B 180 1.09 -10.92 15.78
N SER B 181 2.29 -10.42 15.72
CA SER B 181 2.64 -9.23 14.95
C SER B 181 3.43 -9.58 13.72
N PHE B 182 3.77 -8.58 12.91
CA PHE B 182 4.71 -8.80 11.79
C PHE B 182 6.00 -8.07 12.05
N PHE B 183 7.04 -8.53 11.45
CA PHE B 183 8.28 -7.78 11.52
C PHE B 183 9.02 -7.82 10.19
N LEU B 184 9.91 -6.89 10.04
CA LEU B 184 10.83 -6.89 8.93
C LEU B 184 12.14 -6.20 9.26
N TYR B 185 13.08 -6.44 8.36
CA TYR B 185 14.38 -5.79 8.34
C TYR B 185 14.57 -5.19 6.97
N SER B 186 15.28 -4.11 6.94
CA SER B 186 15.68 -3.47 5.70
C SER B 186 17.16 -3.08 5.70
N LYS B 187 17.87 -3.54 4.72
CA LYS B 187 19.33 -3.40 4.73
C LYS B 187 19.91 -2.48 3.66
N LEU B 188 20.37 -1.34 4.12
CA LEU B 188 21.05 -0.33 3.30
C LEU B 188 22.54 -0.60 3.23
N THR B 189 23.02 -0.98 2.08
CA THR B 189 24.46 -1.10 1.95
C THR B 189 25.14 0.16 1.45
N VAL B 190 25.90 0.80 2.32
CA VAL B 190 26.68 2.00 1.97
C VAL B 190 28.19 1.78 1.99
N ASP B 191 28.95 2.74 1.53
CA ASP B 191 30.40 2.61 1.51
C ASP B 191 30.95 2.94 2.89
N LYS B 192 31.93 2.17 3.29
CA LYS B 192 32.53 2.30 4.61
C LYS B 192 32.91 3.75 4.87
N SER B 193 33.49 4.37 3.86
CA SER B 193 33.85 5.79 3.92
C SER B 193 32.65 6.70 4.14
N ARG B 194 31.58 6.36 3.45
CA ARG B 194 30.32 7.13 3.44
C ARG B 194 29.64 7.10 4.79
N TRP B 195 29.92 6.04 5.52
CA TRP B 195 29.46 5.95 6.90
C TRP B 195 30.40 6.71 7.83
N GLN B 196 31.68 6.45 7.66
CA GLN B 196 32.72 7.03 8.53
C GLN B 196 32.83 8.55 8.51
N GLN B 197 32.29 9.13 7.46
CA GLN B 197 32.29 10.60 7.35
C GLN B 197 31.09 11.22 8.06
N GLY B 198 30.52 10.47 8.99
CA GLY B 198 29.43 10.93 9.87
C GLY B 198 28.19 11.47 9.14
N ASN B 199 27.92 10.85 8.02
CA ASN B 199 26.84 11.21 7.12
C ASN B 199 25.50 10.67 7.62
N VAL B 200 24.45 11.47 7.57
CA VAL B 200 23.14 11.04 8.05
C VAL B 200 22.38 10.14 7.09
N PHE B 201 21.99 8.99 7.61
CA PHE B 201 21.07 8.05 6.98
C PHE B 201 19.79 7.90 7.79
N SER B 202 18.77 7.42 7.11
CA SER B 202 17.42 7.39 7.66
C SER B 202 16.48 6.39 7.02
N CYS B 203 15.81 5.62 7.84
CA CYS B 203 14.70 4.79 7.35
C CYS B 203 13.29 5.33 7.61
N SER B 204 12.52 5.45 6.54
CA SER B 204 11.22 6.13 6.48
C SER B 204 10.09 5.14 6.30
N VAL B 205 9.41 4.81 7.39
CA VAL B 205 8.39 3.74 7.42
C VAL B 205 6.95 4.27 7.30
N MET B 206 6.19 3.63 6.43
CA MET B 206 4.79 3.97 6.20
C MET B 206 3.83 2.82 6.44
N HIS B 207 3.03 2.99 7.46
CA HIS B 207 2.00 2.04 7.88
C HIS B 207 0.83 2.79 8.48
N GLU B 208 -0.35 2.31 8.19
CA GLU B 208 -1.62 2.73 8.76
C GLU B 208 -1.55 3.20 10.22
N ALA B 209 -0.88 2.47 11.05
CA ALA B 209 -0.95 2.85 12.47
C ALA B 209 0.14 3.82 12.92
N LEU B 210 0.70 4.56 11.97
CA LEU B 210 1.72 5.59 12.23
C LEU B 210 1.14 7.00 12.13
N HIS B 211 1.87 7.92 12.74
CA HIS B 211 1.40 9.26 13.08
C HIS B 211 0.59 9.95 12.01
N ASN B 212 1.06 9.92 10.80
CA ASN B 212 0.27 10.43 9.66
C ASN B 212 0.37 9.44 8.52
N HIS B 213 0.26 8.18 8.89
CA HIS B 213 0.66 7.04 8.07
C HIS B 213 2.16 7.03 7.76
N TYR B 214 2.91 7.92 8.38
CA TYR B 214 4.34 8.09 8.10
C TYR B 214 5.18 8.32 9.35
N THR B 215 6.38 7.77 9.36
CA THR B 215 7.47 7.98 10.37
C THR B 215 8.86 7.80 9.78
N GLN B 216 9.80 8.31 10.49
CA GLN B 216 11.17 8.26 10.03
C GLN B 216 12.14 8.23 11.19
N LYS B 217 13.15 7.39 11.07
CA LYS B 217 14.19 7.17 12.09
C LYS B 217 15.58 7.18 11.49
N SER B 218 16.46 7.92 12.14
CA SER B 218 17.79 8.26 11.63
C SER B 218 18.99 7.49 12.21
N LEU B 219 19.84 7.08 11.29
CA LEU B 219 21.17 6.50 11.53
C LEU B 219 22.29 7.46 11.19
N SER B 220 23.02 7.89 12.17
CA SER B 220 24.18 8.76 11.98
C SER B 220 25.33 8.28 12.87
N LEU B 221 26.51 8.36 12.32
CA LEU B 221 27.74 8.02 13.02
C LEU B 221 27.93 8.82 14.30
N SER B 222 28.13 8.17 15.37
#